data_2IPH
#
_entry.id   2IPH
#
_cell.length_a   49.497
_cell.length_b   84.106
_cell.length_c   121.471
_cell.angle_alpha   90.000
_cell.angle_beta   90.000
_cell.angle_gamma   90.000
#
_symmetry.space_group_name_H-M   'P 21 21 21'
#
loop_
_entity.id
_entity.type
_entity.pdbx_description
1 polymer 'Thiol protease P3C'
2 non-polymer N-ACETYL-L-ALPHA-GLUTAMYL-L-PHENYLALANYL-L-GLUTAMINYL-N-[(1S)-4-AMINO-1-(2-CARBOXYETHYL)-4-OXOBUTYL]-L-LEUCINAMIDE
3 water water
#
_entity_poly.entity_id   1
_entity_poly.type   'polypeptide(L)'
_entity_poly.pdbx_seq_one_letter_code
;APPTLWSRVTKFGSGWGFWVSPTVFITTTHVIPTSAKEFFGEPLTSIAIHRAGEFTLFRFSKKIRPDLTGMILEEGCPEG
TVCSVLIKRDSGELLPLAVRMGAIASMRIQGRLVHGQSGMLLTGANAKGMDLGTIPGDCGAPYVYKRANDWVVCGVHAAA
TKSGNTVVCAVQASEGETTLE
;
_entity_poly.pdbx_strand_id   A,B
#
# COMPACT_ATOMS: atom_id res chain seq x y z
N ALA A 1 -5.12 -8.23 0.48
CA ALA A 1 -6.16 -8.74 -0.47
C ALA A 1 -5.86 -10.19 -0.83
N PRO A 2 -6.90 -11.00 -1.08
CA PRO A 2 -6.75 -12.41 -1.43
C PRO A 2 -5.93 -12.66 -2.69
N PRO A 3 -5.14 -13.75 -2.69
CA PRO A 3 -4.31 -14.11 -3.83
C PRO A 3 -5.13 -14.22 -5.13
N THR A 4 -6.33 -14.77 -5.03
CA THR A 4 -7.14 -14.91 -6.24
C THR A 4 -7.58 -13.55 -6.77
N LEU A 5 -7.69 -12.56 -5.88
CA LEU A 5 -8.08 -11.22 -6.33
C LEU A 5 -6.90 -10.62 -7.10
N TRP A 6 -5.69 -10.77 -6.56
CA TRP A 6 -4.50 -10.26 -7.23
C TRP A 6 -4.28 -10.98 -8.57
N SER A 7 -4.61 -12.27 -8.62
CA SER A 7 -4.41 -13.05 -9.85
C SER A 7 -5.26 -12.52 -11.00
N ARG A 8 -6.26 -11.71 -10.69
CA ARG A 8 -7.12 -11.15 -11.73
C ARG A 8 -6.46 -9.95 -12.41
N VAL A 9 -5.49 -9.33 -11.73
CA VAL A 9 -4.78 -8.18 -12.28
C VAL A 9 -3.79 -8.71 -13.31
N THR A 10 -3.99 -8.31 -14.55
CA THR A 10 -3.24 -8.81 -15.69
C THR A 10 -2.49 -7.78 -16.52
N LYS A 11 -1.24 -8.09 -16.87
CA LYS A 11 -0.45 -7.18 -17.70
C LYS A 11 -1.19 -7.10 -19.03
N PHE A 12 -1.41 -5.90 -19.54
CA PHE A 12 -2.16 -5.70 -20.76
C PHE A 12 -1.71 -4.43 -21.48
N GLY A 13 -1.27 -4.57 -22.73
CA GLY A 13 -0.82 -3.40 -23.47
C GLY A 13 0.23 -2.63 -22.69
N SER A 14 0.05 -1.32 -22.59
CA SER A 14 1.00 -0.47 -21.87
C SER A 14 0.62 -0.33 -20.39
N GLY A 15 -0.29 -1.17 -19.93
CA GLY A 15 -0.72 -1.09 -18.55
C GLY A 15 -1.22 -2.42 -18.01
N TRP A 16 -2.41 -2.38 -17.43
CA TRP A 16 -3.02 -3.56 -16.83
C TRP A 16 -4.50 -3.63 -17.13
N GLY A 17 -5.07 -4.78 -16.80
CA GLY A 17 -6.48 -5.03 -16.98
C GLY A 17 -6.91 -5.91 -15.82
N PHE A 18 -8.21 -6.15 -15.69
CA PHE A 18 -8.72 -6.94 -14.58
C PHE A 18 -9.81 -7.93 -14.99
N TRP A 19 -9.66 -9.18 -14.59
CA TRP A 19 -10.67 -10.19 -14.90
C TRP A 19 -11.80 -10.12 -13.86
N VAL A 20 -12.96 -9.66 -14.30
CA VAL A 20 -14.14 -9.55 -13.46
C VAL A 20 -14.75 -10.94 -13.27
N SER A 21 -14.64 -11.75 -14.31
CA SER A 21 -15.17 -13.11 -14.30
C SER A 21 -14.38 -13.90 -15.35
N PRO A 22 -14.70 -15.19 -15.51
CA PRO A 22 -13.98 -16.02 -16.50
C PRO A 22 -14.09 -15.48 -17.93
N THR A 23 -15.10 -14.66 -18.19
CA THR A 23 -15.34 -14.13 -19.55
C THR A 23 -15.31 -12.61 -19.70
N VAL A 24 -15.13 -11.88 -18.60
CA VAL A 24 -15.15 -10.42 -18.67
C VAL A 24 -13.85 -9.80 -18.18
N PHE A 25 -13.24 -8.98 -19.04
CA PHE A 25 -11.98 -8.32 -18.75
C PHE A 25 -12.17 -6.82 -18.94
N ILE A 26 -11.73 -6.04 -17.96
CA ILE A 26 -11.88 -4.59 -18.07
C ILE A 26 -10.53 -3.90 -18.01
N THR A 27 -10.43 -2.75 -18.65
CA THR A 27 -9.16 -2.02 -18.65
C THR A 27 -9.40 -0.55 -18.99
N THR A 28 -8.34 0.24 -18.96
CA THR A 28 -8.42 1.65 -19.30
C THR A 28 -8.15 1.71 -20.80
N THR A 29 -9.04 2.36 -21.54
CA THR A 29 -8.92 2.44 -22.99
C THR A 29 -7.54 2.83 -23.52
N HIS A 30 -6.89 3.79 -22.87
CA HIS A 30 -5.58 4.26 -23.29
C HIS A 30 -4.48 3.18 -23.42
N VAL A 31 -4.51 2.16 -22.56
CA VAL A 31 -3.48 1.13 -22.60
C VAL A 31 -3.68 -0.02 -23.59
N ILE A 32 -4.85 -0.09 -24.21
CA ILE A 32 -5.14 -1.16 -25.15
C ILE A 32 -4.17 -1.21 -26.33
N PRO A 33 -3.59 -2.39 -26.60
CA PRO A 33 -2.64 -2.60 -27.69
C PRO A 33 -3.22 -2.13 -29.02
N THR A 34 -2.42 -1.40 -29.79
CA THR A 34 -2.86 -0.91 -31.08
C THR A 34 -2.66 -2.00 -32.14
N SER A 35 -3.54 -2.03 -33.13
CA SER A 35 -3.45 -2.99 -34.21
C SER A 35 -3.48 -4.46 -33.78
N ALA A 36 -4.12 -4.75 -32.65
CA ALA A 36 -4.21 -6.12 -32.18
C ALA A 36 -5.24 -6.88 -33.00
N LYS A 37 -4.92 -8.12 -33.36
CA LYS A 37 -5.84 -8.96 -34.14
C LYS A 37 -6.65 -9.87 -33.23
N GLU A 38 -6.14 -10.05 -32.01
CA GLU A 38 -6.80 -10.91 -31.04
C GLU A 38 -6.34 -10.57 -29.63
N PHE A 39 -7.10 -11.04 -28.64
CA PHE A 39 -6.76 -10.84 -27.25
C PHE A 39 -6.96 -12.17 -26.52
N PHE A 40 -5.91 -12.62 -25.84
CA PHE A 40 -5.95 -13.89 -25.10
C PHE A 40 -6.30 -15.06 -26.02
N GLY A 41 -5.84 -14.98 -27.27
CA GLY A 41 -6.09 -16.04 -28.22
C GLY A 41 -7.40 -15.95 -28.97
N GLU A 42 -8.25 -15.00 -28.60
CA GLU A 42 -9.54 -14.84 -29.25
C GLU A 42 -9.52 -13.75 -30.31
N PRO A 43 -9.92 -14.08 -31.54
CA PRO A 43 -9.92 -13.07 -32.60
C PRO A 43 -10.94 -11.98 -32.26
N LEU A 44 -10.68 -10.75 -32.69
CA LEU A 44 -11.58 -9.63 -32.42
C LEU A 44 -13.03 -9.94 -32.76
N THR A 45 -13.26 -10.66 -33.85
CA THR A 45 -14.62 -10.98 -34.27
C THR A 45 -15.39 -11.83 -33.26
N SER A 46 -14.68 -12.40 -32.30
CA SER A 46 -15.33 -13.23 -31.28
C SER A 46 -15.42 -12.53 -29.94
N ILE A 47 -15.10 -11.25 -29.91
CA ILE A 47 -15.13 -10.49 -28.66
C ILE A 47 -16.17 -9.37 -28.73
N ALA A 48 -16.94 -9.22 -27.65
CA ALA A 48 -17.94 -8.16 -27.59
C ALA A 48 -17.24 -7.03 -26.85
N ILE A 49 -16.95 -5.95 -27.58
CA ILE A 49 -16.26 -4.79 -27.02
C ILE A 49 -17.24 -3.72 -26.60
N HIS A 50 -17.04 -3.19 -25.39
CA HIS A 50 -17.87 -2.12 -24.88
C HIS A 50 -16.92 -1.01 -24.46
N ARG A 51 -16.69 -0.06 -25.36
CA ARG A 51 -15.78 1.04 -25.08
C ARG A 51 -16.55 2.31 -24.72
N ALA A 52 -16.55 2.65 -23.44
CA ALA A 52 -17.24 3.84 -22.97
C ALA A 52 -16.18 4.83 -22.49
N GLY A 53 -15.71 5.66 -23.41
CA GLY A 53 -14.70 6.64 -23.08
C GLY A 53 -13.38 5.98 -22.70
N GLU A 54 -12.91 6.24 -21.50
CA GLU A 54 -11.65 5.65 -21.03
C GLU A 54 -11.82 4.32 -20.34
N PHE A 55 -13.06 3.81 -20.34
CA PHE A 55 -13.33 2.51 -19.73
C PHE A 55 -13.72 1.54 -20.83
N THR A 56 -13.05 0.40 -20.90
CA THR A 56 -13.37 -0.59 -21.91
C THR A 56 -13.57 -1.96 -21.28
N LEU A 57 -14.63 -2.63 -21.70
CA LEU A 57 -14.94 -3.96 -21.21
C LEU A 57 -14.90 -4.92 -22.38
N PHE A 58 -14.28 -6.08 -22.19
CA PHE A 58 -14.20 -7.11 -23.22
C PHE A 58 -14.97 -8.32 -22.71
N ARG A 59 -15.91 -8.84 -23.49
CA ARG A 59 -16.62 -10.03 -23.09
C ARG A 59 -16.31 -11.12 -24.10
N PHE A 60 -15.76 -12.24 -23.62
CA PHE A 60 -15.40 -13.35 -24.48
C PHE A 60 -16.49 -14.41 -24.52
N SER A 61 -16.51 -15.22 -25.58
CA SER A 61 -17.54 -16.25 -25.71
C SER A 61 -17.15 -17.64 -25.22
N LYS A 62 -16.05 -17.70 -24.47
CA LYS A 62 -15.61 -18.95 -23.85
C LYS A 62 -14.86 -18.49 -22.62
N LYS A 63 -14.80 -19.35 -21.61
CA LYS A 63 -14.12 -18.99 -20.37
C LYS A 63 -12.61 -18.95 -20.57
N ILE A 64 -12.04 -17.76 -20.41
CA ILE A 64 -10.61 -17.56 -20.55
C ILE A 64 -9.93 -17.81 -19.20
N ARG A 65 -10.63 -17.47 -18.11
CA ARG A 65 -10.12 -17.67 -16.75
C ARG A 65 -11.16 -18.47 -15.96
N PRO A 66 -11.36 -19.75 -16.33
CA PRO A 66 -12.34 -20.62 -15.67
C PRO A 66 -12.10 -20.87 -14.18
N ASP A 67 -10.91 -20.52 -13.69
CA ASP A 67 -10.57 -20.70 -12.28
C ASP A 67 -11.25 -19.65 -11.40
N LEU A 68 -11.74 -18.58 -12.02
CA LEU A 68 -12.36 -17.48 -11.29
C LEU A 68 -13.87 -17.52 -11.14
N THR A 69 -14.36 -16.85 -10.10
CA THR A 69 -15.78 -16.72 -9.85
C THR A 69 -16.09 -15.33 -10.40
N GLY A 70 -17.38 -15.03 -10.59
CA GLY A 70 -17.74 -13.72 -11.09
C GLY A 70 -17.85 -12.71 -9.96
N MET A 71 -17.29 -11.52 -10.18
CA MET A 71 -17.33 -10.45 -9.19
C MET A 71 -18.33 -9.39 -9.61
N ILE A 72 -18.64 -8.51 -8.67
CA ILE A 72 -19.56 -7.41 -8.92
C ILE A 72 -18.79 -6.23 -9.46
N LEU A 73 -19.23 -5.71 -10.61
CA LEU A 73 -18.64 -4.53 -11.23
C LEU A 73 -19.72 -3.47 -11.17
N GLU A 74 -19.38 -2.31 -10.61
CA GLU A 74 -20.35 -1.22 -10.51
C GLU A 74 -19.76 0.04 -11.10
N GLU A 75 -20.62 0.99 -11.43
CA GLU A 75 -20.19 2.27 -12.02
C GLU A 75 -19.76 3.24 -10.93
N GLY A 76 -18.53 3.07 -10.47
CA GLY A 76 -18.03 3.92 -9.41
C GLY A 76 -18.56 3.43 -8.07
N CYS A 77 -18.33 4.22 -7.03
CA CYS A 77 -18.81 3.86 -5.69
C CYS A 77 -19.30 5.11 -5.00
N PRO A 78 -19.94 4.95 -3.83
CA PRO A 78 -20.44 6.11 -3.09
C PRO A 78 -19.29 7.02 -2.67
N GLU A 79 -19.49 8.32 -2.73
CA GLU A 79 -18.45 9.23 -2.31
C GLU A 79 -18.13 8.92 -0.85
N GLY A 80 -16.85 8.87 -0.51
CA GLY A 80 -16.45 8.57 0.85
C GLY A 80 -15.98 7.14 1.02
N THR A 81 -16.26 6.31 0.01
CA THR A 81 -15.85 4.92 0.06
C THR A 81 -14.32 4.86 0.06
N VAL A 82 -13.75 3.98 0.87
CA VAL A 82 -12.30 3.82 0.89
C VAL A 82 -12.00 2.56 0.10
N CYS A 83 -11.32 2.74 -1.04
CA CYS A 83 -10.98 1.62 -1.91
C CYS A 83 -9.49 1.33 -1.84
N SER A 84 -9.09 0.27 -2.53
CA SER A 84 -7.68 -0.09 -2.64
C SER A 84 -7.43 -0.21 -4.13
N VAL A 85 -6.37 0.41 -4.62
CA VAL A 85 -6.03 0.28 -6.04
C VAL A 85 -5.04 -0.87 -6.04
N LEU A 86 -5.38 -1.94 -6.76
CA LEU A 86 -4.50 -3.11 -6.78
C LEU A 86 -3.39 -2.94 -7.81
N ILE A 87 -2.32 -2.29 -7.36
CA ILE A 87 -1.18 -2.01 -8.21
C ILE A 87 -0.15 -3.13 -8.27
N LYS A 88 0.13 -3.60 -9.48
CA LYS A 88 1.18 -4.60 -9.68
C LYS A 88 2.30 -3.85 -10.39
N ARG A 89 3.55 -4.12 -10.01
CA ARG A 89 4.69 -3.48 -10.64
C ARG A 89 5.46 -4.59 -11.36
N ASP A 90 6.27 -4.21 -12.34
CA ASP A 90 7.01 -5.19 -13.14
C ASP A 90 7.99 -6.10 -12.40
N SER A 91 8.35 -5.75 -11.18
CA SER A 91 9.28 -6.56 -10.40
C SER A 91 8.60 -7.50 -9.40
N GLY A 92 7.32 -7.76 -9.60
CA GLY A 92 6.60 -8.65 -8.71
C GLY A 92 6.00 -8.02 -7.47
N GLU A 93 6.21 -6.73 -7.30
CA GLU A 93 5.66 -6.04 -6.14
C GLU A 93 4.15 -5.88 -6.25
N LEU A 94 3.48 -5.97 -5.11
CA LEU A 94 2.04 -5.81 -5.04
C LEU A 94 1.80 -4.66 -4.08
N LEU A 95 1.07 -3.64 -4.54
CA LEU A 95 0.81 -2.49 -3.69
C LEU A 95 -0.66 -2.10 -3.66
N PRO A 96 -1.40 -2.52 -2.62
CA PRO A 96 -2.82 -2.18 -2.51
C PRO A 96 -2.90 -0.78 -1.90
N LEU A 97 -2.93 0.24 -2.75
CA LEU A 97 -2.96 1.62 -2.30
C LEU A 97 -4.33 2.10 -1.88
N ALA A 98 -4.45 2.51 -0.61
CA ALA A 98 -5.72 2.99 -0.08
C ALA A 98 -6.08 4.35 -0.67
N VAL A 99 -7.36 4.54 -0.98
CA VAL A 99 -7.81 5.80 -1.56
C VAL A 99 -9.23 6.12 -1.11
N ARG A 100 -9.45 7.36 -0.68
CA ARG A 100 -10.79 7.78 -0.26
C ARG A 100 -11.41 8.39 -1.51
N MET A 101 -12.49 7.78 -1.98
CA MET A 101 -13.12 8.24 -3.21
C MET A 101 -13.98 9.48 -3.09
N GLY A 102 -13.90 10.31 -4.13
CA GLY A 102 -14.65 11.54 -4.18
C GLY A 102 -15.84 11.39 -5.10
N ALA A 103 -16.18 12.45 -5.83
CA ALA A 103 -17.33 12.40 -6.71
C ALA A 103 -17.03 11.93 -8.13
N ILE A 104 -18.05 11.33 -8.75
CA ILE A 104 -17.93 10.87 -10.13
C ILE A 104 -18.18 12.11 -10.98
N ALA A 105 -17.43 12.25 -12.07
CA ALA A 105 -17.60 13.42 -12.92
C ALA A 105 -16.99 13.22 -14.29
N SER A 106 -17.38 14.08 -15.22
CA SER A 106 -16.85 14.05 -16.58
C SER A 106 -15.65 14.98 -16.54
N MET A 107 -14.47 14.42 -16.75
CA MET A 107 -13.24 15.20 -16.71
C MET A 107 -12.56 15.29 -18.07
N ARG A 108 -11.66 16.25 -18.19
CA ARG A 108 -10.90 16.46 -19.42
C ARG A 108 -9.43 16.32 -19.02
N ILE A 109 -8.82 15.21 -19.42
CA ILE A 109 -7.44 14.95 -19.07
C ILE A 109 -6.59 14.77 -20.32
N GLN A 110 -5.60 15.65 -20.47
CA GLN A 110 -4.72 15.62 -21.62
C GLN A 110 -5.51 15.50 -22.91
N GLY A 111 -6.60 16.27 -22.98
CA GLY A 111 -7.44 16.28 -24.16
C GLY A 111 -8.49 15.20 -24.26
N ARG A 112 -8.37 14.18 -23.42
CA ARG A 112 -9.31 13.06 -23.44
C ARG A 112 -10.47 13.27 -22.47
N LEU A 113 -11.66 12.89 -22.91
CA LEU A 113 -12.85 13.00 -22.08
C LEU A 113 -12.85 11.74 -21.22
N VAL A 114 -12.74 11.94 -19.91
CA VAL A 114 -12.71 10.80 -19.00
C VAL A 114 -13.85 10.82 -17.99
N HIS A 115 -14.75 9.87 -18.12
CA HIS A 115 -15.84 9.74 -17.18
C HIS A 115 -15.24 8.91 -16.05
N GLY A 116 -14.97 9.55 -14.92
CA GLY A 116 -14.36 8.84 -13.83
C GLY A 116 -14.72 9.34 -12.45
N GLN A 117 -13.92 8.92 -11.48
CA GLN A 117 -14.13 9.30 -10.09
C GLN A 117 -12.76 9.62 -9.51
N SER A 118 -12.63 10.78 -8.91
CA SER A 118 -11.36 11.17 -8.31
C SER A 118 -11.30 10.61 -6.89
N GLY A 119 -10.08 10.52 -6.36
CA GLY A 119 -9.91 10.01 -5.03
C GLY A 119 -8.62 10.52 -4.43
N MET A 120 -8.54 10.50 -3.10
CA MET A 120 -7.36 10.96 -2.39
C MET A 120 -6.58 9.77 -1.86
N LEU A 121 -5.33 9.62 -2.27
CA LEU A 121 -4.51 8.51 -1.77
C LEU A 121 -4.28 8.71 -0.28
N LEU A 122 -4.32 7.61 0.47
CA LEU A 122 -4.15 7.63 1.92
C LEU A 122 -2.89 6.87 2.31
N THR A 123 -1.82 7.08 1.54
CA THR A 123 -0.56 6.39 1.75
C THR A 123 0.49 7.22 2.51
N GLY A 124 0.34 8.54 2.46
CA GLY A 124 1.27 9.40 3.14
C GLY A 124 0.89 10.86 2.94
N ALA A 125 1.71 11.79 3.44
CA ALA A 125 1.43 13.21 3.29
C ALA A 125 1.42 13.62 1.82
N ASN A 126 2.40 13.10 1.09
N ASN A 126 2.39 13.12 1.06
CA ASN A 126 2.55 13.36 -0.33
CA ASN A 126 2.47 13.44 -0.37
C ASN A 126 2.85 12.01 -0.97
C ASN A 126 2.95 12.25 -1.20
N ALA A 127 1.90 11.52 -1.77
N ALA A 127 1.99 11.52 -1.79
CA ALA A 127 2.07 10.23 -2.43
CA ALA A 127 2.25 10.34 -2.59
C ALA A 127 2.95 10.32 -3.67
C ALA A 127 3.48 10.35 -3.51
N LYS A 128 3.66 11.44 -3.81
N LYS A 128 3.32 10.91 -4.70
CA LYS A 128 4.54 11.62 -4.95
CA LYS A 128 4.40 10.94 -5.69
C LYS A 128 5.60 10.52 -4.91
C LYS A 128 5.73 11.46 -5.14
N GLY A 129 5.81 9.86 -6.05
N GLY A 129 5.65 12.46 -4.26
CA GLY A 129 6.79 8.81 -6.09
CA GLY A 129 6.86 13.01 -3.68
C GLY A 129 6.26 7.44 -6.47
C GLY A 129 7.59 12.00 -2.80
N MET A 130 7.16 6.49 -6.55
N MET A 130 6.82 11.08 -2.24
CA MET A 130 6.83 5.12 -6.92
CA MET A 130 7.37 10.05 -1.36
C MET A 130 6.51 4.22 -5.72
C MET A 130 7.53 8.71 -2.06
N ASP A 131 7.02 4.58 -4.55
N ASP A 131 7.08 8.64 -3.32
CA ASP A 131 6.80 3.78 -3.35
CA ASP A 131 7.15 7.41 -4.09
C ASP A 131 5.50 4.11 -2.63
C ASP A 131 6.20 6.35 -3.53
N LEU A 132 4.99 5.31 -2.85
N LEU A 132 5.10 6.80 -2.95
CA LEU A 132 3.75 5.72 -2.18
CA LEU A 132 4.08 5.93 -2.37
C LEU A 132 2.58 6.03 -3.10
C LEU A 132 2.75 6.21 -3.07
N GLY A 133 2.82 6.26 -4.39
CA GLY A 133 1.69 6.54 -5.24
C GLY A 133 1.69 5.77 -6.54
N THR A 134 0.87 6.23 -7.48
CA THR A 134 0.76 5.59 -8.78
C THR A 134 1.69 6.27 -9.77
N ILE A 135 2.08 5.55 -10.82
CA ILE A 135 2.99 6.09 -11.81
C ILE A 135 2.57 5.68 -13.21
N PRO A 136 3.17 6.29 -14.24
CA PRO A 136 2.81 5.91 -15.60
C PRO A 136 3.14 4.43 -15.67
N GLY A 137 2.26 3.65 -16.29
CA GLY A 137 2.48 2.22 -16.38
C GLY A 137 1.45 1.49 -15.52
N ASP A 138 0.89 2.21 -14.55
CA ASP A 138 -0.12 1.65 -13.64
C ASP A 138 -1.56 1.73 -14.16
N CYS A 139 -1.80 2.40 -15.29
CA CYS A 139 -3.19 2.49 -15.74
C CYS A 139 -3.78 1.13 -16.03
N GLY A 140 -5.05 0.98 -15.66
CA GLY A 140 -5.73 -0.28 -15.85
C GLY A 140 -5.91 -1.01 -14.53
N ALA A 141 -5.13 -0.65 -13.53
CA ALA A 141 -5.21 -1.29 -12.22
C ALA A 141 -6.62 -1.06 -11.66
N PRO A 142 -7.23 -2.10 -11.09
CA PRO A 142 -8.58 -1.99 -10.53
C PRO A 142 -8.69 -1.28 -9.20
N TYR A 143 -9.82 -0.59 -9.00
CA TYR A 143 -10.14 0.08 -7.75
C TYR A 143 -11.19 -0.86 -7.15
N VAL A 144 -10.90 -1.43 -5.98
CA VAL A 144 -11.82 -2.39 -5.36
C VAL A 144 -12.06 -2.08 -3.89
N TYR A 145 -13.11 -2.68 -3.34
CA TYR A 145 -13.41 -2.52 -1.93
C TYR A 145 -14.32 -3.66 -1.52
N LYS A 146 -14.34 -3.98 -0.23
CA LYS A 146 -15.17 -5.08 0.24
C LYS A 146 -16.44 -4.55 0.88
N ARG A 147 -17.56 -5.09 0.43
CA ARG A 147 -18.87 -4.71 0.96
C ARG A 147 -19.45 -6.00 1.50
N ALA A 148 -19.55 -6.07 2.82
CA ALA A 148 -20.06 -7.28 3.47
C ALA A 148 -19.09 -8.41 3.14
N ASN A 149 -19.58 -9.43 2.43
CA ASN A 149 -18.72 -10.55 2.05
C ASN A 149 -18.45 -10.60 0.55
N ASP A 150 -18.60 -9.46 -0.12
CA ASP A 150 -18.38 -9.40 -1.56
C ASP A 150 -17.33 -8.36 -1.95
N TRP A 151 -16.36 -8.77 -2.76
CA TRP A 151 -15.36 -7.83 -3.25
C TRP A 151 -16.03 -7.16 -4.45
N VAL A 152 -15.94 -5.85 -4.53
CA VAL A 152 -16.55 -5.09 -5.61
C VAL A 152 -15.49 -4.29 -6.37
N VAL A 153 -15.55 -4.31 -7.70
CA VAL A 153 -14.61 -3.52 -8.49
C VAL A 153 -15.45 -2.37 -9.07
N CYS A 154 -14.95 -1.15 -8.95
CA CYS A 154 -15.72 0.01 -9.42
C CYS A 154 -15.03 0.97 -10.38
N GLY A 155 -13.84 0.61 -10.83
CA GLY A 155 -13.13 1.48 -11.76
C GLY A 155 -11.75 0.95 -12.09
N VAL A 156 -11.09 1.58 -13.05
CA VAL A 156 -9.73 1.19 -13.45
C VAL A 156 -8.87 2.45 -13.47
N HIS A 157 -7.64 2.34 -13.00
CA HIS A 157 -6.77 3.51 -12.92
C HIS A 157 -6.55 4.25 -14.22
N ALA A 158 -6.74 5.57 -14.20
CA ALA A 158 -6.58 6.38 -15.41
C ALA A 158 -5.66 7.59 -15.31
N ALA A 159 -5.55 8.19 -14.13
CA ALA A 159 -4.71 9.38 -14.00
C ALA A 159 -4.38 9.78 -12.57
N ALA A 160 -3.51 10.77 -12.43
CA ALA A 160 -3.12 11.26 -11.11
C ALA A 160 -2.54 12.66 -11.29
N THR A 161 -2.58 13.45 -10.22
CA THR A 161 -2.03 14.80 -10.29
C THR A 161 -0.51 14.70 -10.24
N LYS A 162 0.16 15.82 -10.51
CA LYS A 162 1.63 15.85 -10.50
C LYS A 162 2.18 15.46 -9.13
N SER A 163 1.56 15.97 -8.08
CA SER A 163 2.01 15.65 -6.71
C SER A 163 1.73 14.18 -6.47
N GLY A 164 0.76 13.66 -7.20
CA GLY A 164 0.39 12.26 -7.07
C GLY A 164 -0.61 11.93 -5.98
N ASN A 165 -0.97 12.90 -5.13
CA ASN A 165 -1.92 12.60 -4.07
C ASN A 165 -3.36 12.37 -4.51
N THR A 166 -3.75 12.97 -5.63
CA THR A 166 -5.11 12.78 -6.13
C THR A 166 -5.06 11.87 -7.35
N VAL A 167 -5.90 10.84 -7.36
CA VAL A 167 -5.95 9.91 -8.49
C VAL A 167 -7.34 9.89 -9.11
N VAL A 168 -7.44 9.29 -10.29
CA VAL A 168 -8.71 9.18 -10.98
C VAL A 168 -8.86 7.81 -11.62
N CYS A 169 -10.01 7.18 -11.42
CA CYS A 169 -10.25 5.89 -12.05
C CYS A 169 -11.38 6.10 -13.06
N ALA A 170 -11.26 5.47 -14.21
CA ALA A 170 -12.30 5.57 -15.22
C ALA A 170 -13.42 4.65 -14.74
N VAL A 171 -14.67 5.06 -14.93
CA VAL A 171 -15.79 4.23 -14.50
C VAL A 171 -16.67 3.85 -15.70
N GLN A 172 -17.33 2.70 -15.58
N GLN A 172 -17.35 2.72 -15.56
CA GLN A 172 -18.19 2.21 -16.65
CA GLN A 172 -18.22 2.18 -16.60
C GLN A 172 -19.41 3.09 -16.84
C GLN A 172 -19.46 3.06 -16.81
N ALA A 173 -19.94 3.08 -18.05
CA ALA A 173 -21.13 3.86 -18.39
C ALA A 173 -22.05 2.93 -19.18
N SER A 174 -23.35 3.17 -19.12
CA SER A 174 -24.30 2.33 -19.83
C SER A 174 -24.11 2.35 -21.35
N GLU A 175 -23.63 3.48 -21.88
CA GLU A 175 -23.43 3.60 -23.32
C GLU A 175 -21.95 3.53 -23.70
N GLY A 176 -21.66 2.79 -24.77
CA GLY A 176 -20.29 2.64 -25.24
C GLY A 176 -20.22 2.13 -26.66
N GLU A 177 -19.06 2.28 -27.29
CA GLU A 177 -18.86 1.83 -28.66
C GLU A 177 -18.56 0.33 -28.68
N THR A 178 -18.76 -0.29 -29.84
CA THR A 178 -18.52 -1.72 -29.99
C THR A 178 -17.23 -2.02 -30.75
N THR A 179 -16.40 -1.00 -30.94
CA THR A 179 -15.14 -1.16 -31.66
C THR A 179 -13.98 -0.58 -30.85
N LEU A 180 -12.76 -0.86 -31.30
CA LEU A 180 -11.57 -0.36 -30.63
C LEU A 180 -11.24 1.05 -31.10
N THR B 4 13.08 3.22 -2.35
CA THR B 4 14.14 2.42 -1.69
C THR B 4 13.77 2.18 -0.22
N LEU B 5 12.77 2.91 0.26
CA LEU B 5 12.32 2.77 1.65
C LEU B 5 11.93 1.32 1.93
N TRP B 6 11.20 0.72 1.00
CA TRP B 6 10.75 -0.65 1.15
C TRP B 6 11.88 -1.64 1.34
N SER B 7 13.01 -1.37 0.68
CA SER B 7 14.16 -2.26 0.78
C SER B 7 14.69 -2.35 2.21
N ARG B 8 14.34 -1.36 3.04
CA ARG B 8 14.80 -1.33 4.43
C ARG B 8 13.92 -2.13 5.38
N VAL B 9 12.68 -2.40 4.98
CA VAL B 9 11.76 -3.15 5.84
C VAL B 9 12.06 -4.64 5.74
N THR B 10 12.56 -5.21 6.82
CA THR B 10 12.99 -6.60 6.88
C THR B 10 12.17 -7.52 7.77
N LYS B 11 11.87 -8.71 7.28
CA LYS B 11 11.12 -9.68 8.09
C LYS B 11 12.03 -10.04 9.26
N PHE B 12 11.48 -10.08 10.46
CA PHE B 12 12.29 -10.35 11.65
C PHE B 12 11.43 -10.97 12.73
N GLY B 13 11.73 -12.22 13.11
CA GLY B 13 10.96 -12.89 14.13
C GLY B 13 9.48 -12.95 13.79
N SER B 14 8.63 -12.57 14.74
CA SER B 14 7.19 -12.58 14.53
C SER B 14 6.69 -11.27 13.94
N GLY B 15 7.63 -10.44 13.49
CA GLY B 15 7.27 -9.17 12.91
C GLY B 15 8.26 -8.67 11.88
N TRP B 16 8.66 -7.41 12.02
CA TRP B 16 9.57 -6.76 11.08
C TRP B 16 10.54 -5.82 11.78
N GLY B 17 11.53 -5.37 11.02
CA GLY B 17 12.52 -4.45 11.50
C GLY B 17 12.83 -3.47 10.39
N PHE B 18 13.57 -2.41 10.70
CA PHE B 18 13.89 -1.40 9.70
C PHE B 18 15.36 -1.00 9.74
N TRP B 19 16.02 -1.05 8.58
CA TRP B 19 17.43 -0.66 8.52
C TRP B 19 17.54 0.86 8.39
N VAL B 20 17.98 1.50 9.47
CA VAL B 20 18.15 2.94 9.48
C VAL B 20 19.41 3.31 8.70
N SER B 21 20.38 2.40 8.73
CA SER B 21 21.65 2.60 8.03
C SER B 21 22.29 1.23 7.84
N PRO B 22 23.49 1.17 7.25
CA PRO B 22 24.15 -0.12 7.05
C PRO B 22 24.43 -0.88 8.35
N THR B 23 24.52 -0.15 9.45
CA THR B 23 24.82 -0.78 10.74
C THR B 23 23.75 -0.67 11.81
N VAL B 24 22.68 0.08 11.53
CA VAL B 24 21.63 0.25 12.52
C VAL B 24 20.30 -0.34 12.09
N PHE B 25 19.78 -1.24 12.92
CA PHE B 25 18.51 -1.93 12.67
C PHE B 25 17.58 -1.70 13.87
N ILE B 26 16.35 -1.24 13.62
CA ILE B 26 15.41 -1.02 14.71
C ILE B 26 14.18 -1.90 14.55
N THR B 27 13.56 -2.25 15.67
CA THR B 27 12.39 -3.10 15.65
C THR B 27 11.64 -2.99 16.97
N THR B 28 10.53 -3.71 17.08
N THR B 28 10.53 -3.72 17.07
CA THR B 28 9.75 -3.69 18.30
CA THR B 28 9.73 -3.72 18.28
C THR B 28 10.21 -4.89 19.13
C THR B 28 10.20 -4.90 19.13
N THR B 29 10.61 -4.60 20.36
CA THR B 29 11.10 -5.63 21.27
C THR B 29 10.34 -6.96 21.26
N HIS B 30 9.01 -6.90 21.28
CA HIS B 30 8.19 -8.10 21.30
C HIS B 30 8.44 -9.13 20.19
N VAL B 31 8.74 -8.66 18.99
CA VAL B 31 8.93 -9.57 17.86
C VAL B 31 10.28 -10.25 17.73
N ILE B 32 11.27 -9.77 18.47
CA ILE B 32 12.62 -10.32 18.41
C ILE B 32 12.68 -11.83 18.68
N PRO B 33 13.39 -12.58 17.81
CA PRO B 33 13.52 -14.03 18.00
C PRO B 33 14.08 -14.32 19.39
N THR B 34 13.46 -15.25 20.10
CA THR B 34 13.89 -15.60 21.46
C THR B 34 15.15 -16.45 21.49
N SER B 35 15.95 -16.25 22.53
CA SER B 35 17.19 -16.99 22.73
C SER B 35 18.05 -17.11 21.47
N ALA B 36 18.27 -15.98 20.81
CA ALA B 36 19.08 -15.96 19.59
C ALA B 36 20.55 -15.81 19.95
N LYS B 37 21.39 -16.64 19.34
CA LYS B 37 22.83 -16.59 19.61
C LYS B 37 23.48 -15.54 18.72
N GLU B 38 22.78 -15.16 17.66
CA GLU B 38 23.32 -14.18 16.72
C GLU B 38 22.21 -13.56 15.89
N PHE B 39 22.54 -12.49 15.17
CA PHE B 39 21.59 -11.81 14.31
C PHE B 39 22.29 -11.42 13.01
N PHE B 40 21.70 -11.86 11.90
CA PHE B 40 22.26 -11.58 10.58
C PHE B 40 23.70 -12.10 10.46
N GLY B 41 23.94 -13.27 11.06
CA GLY B 41 25.25 -13.87 11.01
C GLY B 41 26.26 -13.28 11.98
N GLU B 42 25.85 -12.24 12.71
CA GLU B 42 26.74 -11.59 13.66
C GLU B 42 26.54 -12.06 15.09
N PRO B 43 27.64 -12.36 15.79
CA PRO B 43 27.56 -12.82 17.19
C PRO B 43 27.10 -11.69 18.09
N LEU B 44 26.31 -12.03 19.11
CA LEU B 44 25.78 -11.04 20.04
C LEU B 44 26.87 -10.11 20.57
N THR B 45 28.00 -10.70 20.96
CA THR B 45 29.11 -9.92 21.50
C THR B 45 29.60 -8.83 20.55
N SER B 46 29.25 -8.95 19.27
CA SER B 46 29.67 -7.96 18.28
C SER B 46 28.55 -6.99 17.95
N ILE B 47 27.48 -7.03 18.73
CA ILE B 47 26.34 -6.15 18.51
C ILE B 47 26.04 -5.30 19.73
N ALA B 48 25.80 -4.01 19.53
CA ALA B 48 25.47 -3.09 20.61
C ALA B 48 23.95 -2.97 20.64
N ILE B 49 23.31 -3.69 21.55
CA ILE B 49 21.86 -3.68 21.65
C ILE B 49 21.31 -2.68 22.66
N HIS B 50 20.39 -1.84 22.20
CA HIS B 50 19.77 -0.83 23.04
C HIS B 50 18.27 -1.14 23.14
N ARG B 51 17.86 -1.74 24.26
CA ARG B 51 16.47 -2.10 24.46
C ARG B 51 15.77 -1.14 25.41
N ALA B 52 14.93 -0.28 24.86
CA ALA B 52 14.18 0.70 25.66
C ALA B 52 12.70 0.38 25.59
N GLY B 53 12.23 -0.45 26.51
CA GLY B 53 10.83 -0.81 26.52
C GLY B 53 10.50 -1.61 25.26
N GLU B 54 9.52 -1.16 24.50
CA GLU B 54 9.14 -1.86 23.27
C GLU B 54 9.92 -1.42 22.03
N PHE B 55 10.93 -0.59 22.24
CA PHE B 55 11.76 -0.13 21.12
C PHE B 55 13.16 -0.72 21.30
N THR B 56 13.64 -1.44 20.29
CA THR B 56 14.98 -2.00 20.40
C THR B 56 15.81 -1.61 19.18
N LEU B 57 17.04 -1.20 19.43
CA LEU B 57 17.95 -0.80 18.38
C LEU B 57 19.21 -1.68 18.41
N PHE B 58 19.59 -2.18 17.23
CA PHE B 58 20.77 -3.02 17.10
C PHE B 58 21.83 -2.21 16.34
N ARG B 59 23.03 -2.14 16.88
CA ARG B 59 24.12 -1.43 16.18
C ARG B 59 25.22 -2.46 15.96
N PHE B 60 25.45 -2.81 14.70
CA PHE B 60 26.46 -3.80 14.38
C PHE B 60 27.86 -3.22 14.19
N SER B 61 28.86 -4.07 14.40
CA SER B 61 30.26 -3.65 14.26
C SER B 61 30.62 -3.43 12.80
N LYS B 62 29.99 -4.18 11.90
CA LYS B 62 30.26 -4.05 10.48
C LYS B 62 29.00 -3.72 9.69
N LYS B 63 29.18 -3.31 8.44
CA LYS B 63 28.06 -2.97 7.58
C LYS B 63 27.31 -4.22 7.14
N ILE B 64 26.06 -4.32 7.56
CA ILE B 64 25.22 -5.47 7.20
C ILE B 64 24.47 -5.18 5.90
N ARG B 65 24.11 -3.91 5.73
CA ARG B 65 23.39 -3.46 4.53
C ARG B 65 24.15 -2.28 3.94
N PRO B 66 25.38 -2.52 3.45
CA PRO B 66 26.23 -1.49 2.85
C PRO B 66 25.59 -0.76 1.66
N ASP B 67 24.51 -1.32 1.14
CA ASP B 67 23.81 -0.74 0.00
C ASP B 67 22.93 0.44 0.40
N LEU B 68 22.77 0.64 1.71
CA LEU B 68 21.91 1.71 2.21
C LEU B 68 22.60 2.97 2.70
N THR B 69 21.90 4.09 2.57
CA THR B 69 22.41 5.37 3.05
C THR B 69 21.86 5.53 4.46
N GLY B 70 22.47 6.39 5.26
CA GLY B 70 22.00 6.59 6.62
C GLY B 70 20.81 7.54 6.71
N MET B 71 19.76 7.09 7.38
CA MET B 71 18.57 7.92 7.56
C MET B 71 18.55 8.55 8.94
N ILE B 72 17.71 9.55 9.10
CA ILE B 72 17.58 10.25 10.37
C ILE B 72 16.57 9.52 11.25
N LEU B 73 16.98 9.20 12.47
CA LEU B 73 16.11 8.53 13.41
C LEU B 73 15.84 9.50 14.55
N GLU B 74 14.56 9.76 14.83
CA GLU B 74 14.21 10.67 15.90
C GLU B 74 13.21 10.01 16.85
N GLU B 75 13.10 10.55 18.05
CA GLU B 75 12.20 10.03 19.07
C GLU B 75 10.79 10.57 18.85
N GLY B 76 10.03 9.90 17.99
CA GLY B 76 8.69 10.36 17.72
C GLY B 76 8.73 11.57 16.81
N CYS B 77 7.58 12.20 16.59
CA CYS B 77 7.51 13.37 15.72
C CYS B 77 6.54 14.38 16.30
N PRO B 78 6.52 15.60 15.74
CA PRO B 78 5.60 16.62 16.25
C PRO B 78 4.16 16.14 16.11
N GLU B 79 3.32 16.49 17.09
CA GLU B 79 1.93 16.11 17.02
C GLU B 79 1.33 16.74 15.77
N GLY B 80 0.51 15.98 15.05
CA GLY B 80 -0.10 16.51 13.84
C GLY B 80 0.62 16.09 12.57
N THR B 81 1.83 15.57 12.71
CA THR B 81 2.60 15.12 11.55
C THR B 81 1.89 13.95 10.90
N VAL B 82 1.83 13.95 9.57
CA VAL B 82 1.20 12.83 8.87
C VAL B 82 2.33 11.93 8.41
N CYS B 83 2.45 10.77 9.03
CA CYS B 83 3.48 9.80 8.69
C CYS B 83 2.91 8.70 7.81
N SER B 84 3.79 7.80 7.40
CA SER B 84 3.40 6.65 6.63
C SER B 84 3.95 5.45 7.37
N VAL B 85 3.09 4.48 7.64
N VAL B 85 3.09 4.47 7.64
CA VAL B 85 3.56 3.24 8.28
CA VAL B 85 3.54 3.24 8.28
C VAL B 85 3.78 2.32 7.10
C VAL B 85 3.77 2.31 7.09
N LEU B 86 5.01 1.85 6.93
CA LEU B 86 5.35 0.98 5.80
C LEU B 86 5.15 -0.49 6.15
N ILE B 87 3.93 -0.96 5.94
CA ILE B 87 3.57 -2.34 6.24
C ILE B 87 3.93 -3.29 5.12
N LYS B 88 4.80 -4.25 5.41
CA LYS B 88 5.15 -5.26 4.43
C LYS B 88 4.48 -6.54 4.94
N ARG B 89 3.90 -7.32 4.04
CA ARG B 89 3.21 -8.55 4.42
C ARG B 89 3.89 -9.76 3.76
N ASP B 90 3.76 -10.94 4.38
CA ASP B 90 4.37 -12.14 3.83
C ASP B 90 3.80 -12.53 2.47
N SER B 91 2.69 -11.91 2.12
CA SER B 91 2.03 -12.14 0.84
C SER B 91 2.81 -11.46 -0.28
N GLY B 92 3.70 -10.55 0.09
CA GLY B 92 4.46 -9.82 -0.90
C GLY B 92 3.85 -8.45 -1.10
N GLU B 93 2.77 -8.17 -0.38
CA GLU B 93 2.12 -6.87 -0.49
C GLU B 93 2.88 -5.81 0.30
N LEU B 94 2.99 -4.63 -0.29
CA LEU B 94 3.63 -3.46 0.34
C LEU B 94 2.45 -2.53 0.60
N LEU B 95 2.15 -2.28 1.86
CA LEU B 95 1.02 -1.46 2.22
C LEU B 95 1.36 -0.18 3.01
N PRO B 96 1.51 0.95 2.31
CA PRO B 96 1.84 2.21 2.98
C PRO B 96 0.54 2.85 3.44
N LEU B 97 0.45 3.18 4.73
CA LEU B 97 -0.76 3.81 5.25
C LEU B 97 -0.46 5.11 5.97
N ALA B 98 -1.17 6.16 5.57
CA ALA B 98 -1.00 7.47 6.18
C ALA B 98 -1.59 7.46 7.59
N VAL B 99 -0.87 8.08 8.54
CA VAL B 99 -1.31 8.15 9.92
C VAL B 99 -1.07 9.57 10.45
N ARG B 100 -2.11 10.19 11.00
CA ARG B 100 -1.94 11.53 11.57
C ARG B 100 -1.57 11.30 13.03
N MET B 101 -0.32 11.62 13.36
CA MET B 101 0.21 11.39 14.69
C MET B 101 -0.33 12.27 15.81
N GLY B 102 -0.53 11.65 16.97
CA GLY B 102 -1.01 12.34 18.15
C GLY B 102 0.14 12.64 19.09
N ALA B 103 -0.12 12.54 20.38
CA ALA B 103 0.90 12.82 21.38
C ALA B 103 1.72 11.62 21.81
N ILE B 104 2.97 11.90 22.20
CA ILE B 104 3.87 10.87 22.69
C ILE B 104 3.41 10.64 24.13
N ALA B 105 3.31 9.38 24.53
CA ALA B 105 2.87 9.09 25.90
C ALA B 105 3.23 7.69 26.37
N SER B 106 3.33 7.55 27.69
CA SER B 106 3.61 6.27 28.30
C SER B 106 2.30 5.50 28.23
N MET B 107 2.39 4.22 27.89
CA MET B 107 1.19 3.41 27.77
C MET B 107 1.41 2.01 28.34
N ARG B 108 0.31 1.33 28.61
CA ARG B 108 0.35 -0.04 29.09
C ARG B 108 -0.57 -0.77 28.12
N ILE B 109 0.02 -1.65 27.32
CA ILE B 109 -0.74 -2.39 26.33
C ILE B 109 -0.60 -3.88 26.60
N GLN B 110 -1.72 -4.52 26.91
CA GLN B 110 -1.76 -5.93 27.21
C GLN B 110 -0.60 -6.37 28.09
N GLY B 111 -0.44 -5.68 29.22
CA GLY B 111 0.59 -6.00 30.18
C GLY B 111 2.00 -5.48 29.92
N ARG B 112 2.20 -4.81 28.79
CA ARG B 112 3.53 -4.30 28.47
C ARG B 112 3.62 -2.79 28.53
N LEU B 113 4.71 -2.29 29.12
CA LEU B 113 4.93 -0.86 29.23
C LEU B 113 5.44 -0.39 27.88
N VAL B 114 4.72 0.55 27.27
CA VAL B 114 5.10 1.04 25.96
C VAL B 114 5.25 2.55 25.90
N HIS B 115 6.47 3.01 25.59
CA HIS B 115 6.69 4.44 25.44
C HIS B 115 6.46 4.65 23.94
N GLY B 116 5.33 5.27 23.60
CA GLY B 116 5.06 5.47 22.19
C GLY B 116 4.28 6.71 21.82
N GLN B 117 3.78 6.72 20.60
CA GLN B 117 3.00 7.84 20.10
C GLN B 117 1.82 7.25 19.37
N SER B 118 0.62 7.71 19.70
CA SER B 118 -0.57 7.21 19.06
C SER B 118 -0.78 7.99 17.76
N GLY B 119 -1.63 7.45 16.89
CA GLY B 119 -1.90 8.10 15.64
C GLY B 119 -3.21 7.60 15.07
N MET B 120 -3.80 8.35 14.14
N MET B 120 -3.79 8.36 14.15
CA MET B 120 -5.05 7.95 13.55
CA MET B 120 -5.04 8.00 13.51
C MET B 120 -4.87 7.65 12.06
C MET B 120 -4.83 7.65 12.04
N LEU B 121 -5.18 6.43 11.66
CA LEU B 121 -5.06 6.02 10.26
C LEU B 121 -6.03 6.86 9.45
N LEU B 122 -5.59 7.38 8.31
CA LEU B 122 -6.47 8.19 7.49
C LEU B 122 -7.57 7.36 6.83
N THR B 123 -7.44 6.04 6.88
CA THR B 123 -8.47 5.18 6.29
C THR B 123 -9.76 5.28 7.10
N GLY B 124 -9.68 5.90 8.26
CA GLY B 124 -10.88 6.11 9.08
C GLY B 124 -11.32 5.00 10.02
N ALA B 125 -12.16 5.37 10.97
CA ALA B 125 -12.68 4.44 11.96
C ALA B 125 -13.57 3.37 11.33
N ASN B 126 -14.31 3.76 10.29
CA ASN B 126 -15.21 2.83 9.63
C ASN B 126 -14.46 1.90 8.68
N ALA B 127 -13.15 2.09 8.55
CA ALA B 127 -12.33 1.27 7.67
C ALA B 127 -12.28 -0.18 8.17
N LYS B 128 -12.58 -1.11 7.27
CA LYS B 128 -12.56 -2.53 7.60
C LYS B 128 -11.70 -3.28 6.60
N GLY B 129 -10.96 -4.28 7.08
CA GLY B 129 -10.09 -5.05 6.21
C GLY B 129 -8.64 -4.84 6.56
N MET B 130 -7.84 -5.90 6.41
N MET B 130 -7.85 -5.91 6.39
CA MET B 130 -6.42 -5.80 6.74
CA MET B 130 -6.43 -5.87 6.70
C MET B 130 -5.65 -4.92 5.76
C MET B 130 -5.64 -5.00 5.74
N ASP B 131 -6.28 -4.60 4.64
CA ASP B 131 -5.62 -3.75 3.64
C ASP B 131 -5.80 -2.28 3.96
N LEU B 132 -6.54 -1.97 5.01
CA LEU B 132 -6.77 -0.58 5.38
C LEU B 132 -6.32 -0.29 6.81
N GLY B 133 -5.65 -1.26 7.42
CA GLY B 133 -5.19 -1.08 8.78
C GLY B 133 -4.09 -2.07 9.15
N THR B 134 -3.61 -1.98 10.39
CA THR B 134 -2.56 -2.88 10.86
C THR B 134 -3.17 -4.05 11.61
N ILE B 135 -2.47 -5.18 11.61
CA ILE B 135 -2.95 -6.39 12.28
C ILE B 135 -1.79 -7.10 12.96
N PRO B 136 -2.10 -8.08 13.83
CA PRO B 136 -1.01 -8.81 14.50
C PRO B 136 -0.11 -9.38 13.41
N GLY B 137 1.20 -9.30 13.64
CA GLY B 137 2.15 -9.77 12.65
C GLY B 137 2.82 -8.59 11.98
N ASP B 138 2.21 -7.41 12.08
CA ASP B 138 2.72 -6.19 11.48
C ASP B 138 3.67 -5.39 12.36
N CYS B 139 3.87 -5.79 13.62
CA CYS B 139 4.74 -5.01 14.48
C CYS B 139 6.18 -4.93 13.99
N GLY B 140 6.77 -3.77 14.18
CA GLY B 140 8.12 -3.52 13.73
C GLY B 140 8.12 -2.63 12.49
N ALA B 141 6.96 -2.53 11.84
CA ALA B 141 6.84 -1.70 10.64
C ALA B 141 7.21 -0.26 10.99
N PRO B 142 7.99 0.41 10.12
CA PRO B 142 8.41 1.78 10.39
C PRO B 142 7.39 2.89 10.11
N TYR B 143 7.47 3.93 10.93
CA TYR B 143 6.64 5.12 10.79
C TYR B 143 7.64 6.14 10.26
N VAL B 144 7.41 6.61 9.03
CA VAL B 144 8.33 7.55 8.40
C VAL B 144 7.63 8.77 7.82
N TYR B 145 8.41 9.81 7.57
CA TYR B 145 7.87 11.02 6.95
C TYR B 145 9.03 11.83 6.40
N LYS B 146 8.73 12.78 5.53
CA LYS B 146 9.77 13.60 4.94
C LYS B 146 9.74 15.03 5.45
N ARG B 147 10.91 15.51 5.85
CA ARG B 147 11.05 16.87 6.35
C ARG B 147 12.07 17.52 5.42
N ALA B 148 11.60 18.50 4.63
CA ALA B 148 12.47 19.17 3.69
C ALA B 148 12.91 18.14 2.64
N ASN B 149 14.19 17.84 2.59
CA ASN B 149 14.70 16.87 1.64
C ASN B 149 15.20 15.59 2.32
N ASP B 150 14.91 15.45 3.61
CA ASP B 150 15.36 14.29 4.35
C ASP B 150 14.22 13.40 4.82
N TRP B 151 14.45 12.09 4.76
CA TRP B 151 13.47 11.12 5.22
C TRP B 151 13.77 10.87 6.69
N VAL B 152 12.73 10.79 7.49
CA VAL B 152 12.87 10.57 8.93
C VAL B 152 12.06 9.36 9.38
N VAL B 153 12.67 8.51 10.20
CA VAL B 153 11.94 7.38 10.75
C VAL B 153 11.81 7.75 12.22
N CYS B 154 10.60 7.72 12.75
CA CYS B 154 10.38 8.12 14.14
C CYS B 154 9.73 7.10 15.06
N GLY B 155 9.56 5.87 14.58
CA GLY B 155 8.96 4.84 15.41
C GLY B 155 8.73 3.53 14.68
N VAL B 156 8.39 2.49 15.45
CA VAL B 156 8.12 1.18 14.87
C VAL B 156 6.75 0.72 15.41
N HIS B 157 5.96 0.09 14.54
CA HIS B 157 4.62 -0.34 14.93
C HIS B 157 4.54 -1.26 16.12
N ALA B 158 3.72 -0.89 17.11
CA ALA B 158 3.59 -1.68 18.32
C ALA B 158 2.17 -2.14 18.65
N ALA B 159 1.17 -1.35 18.29
CA ALA B 159 -0.20 -1.73 18.62
C ALA B 159 -1.27 -0.95 17.88
N ALA B 160 -2.51 -1.36 18.07
CA ALA B 160 -3.64 -0.70 17.47
C ALA B 160 -4.93 -1.18 18.11
N THR B 161 -5.99 -0.40 17.98
CA THR B 161 -7.29 -0.78 18.51
C THR B 161 -7.83 -1.83 17.55
N LYS B 162 -8.66 -2.74 18.03
CA LYS B 162 -9.19 -3.79 17.16
C LYS B 162 -10.22 -3.31 16.14
N SER B 163 -11.06 -2.36 16.52
CA SER B 163 -12.11 -1.87 15.62
C SER B 163 -12.03 -0.40 15.23
N GLY B 164 -11.06 0.32 15.77
CA GLY B 164 -10.94 1.73 15.44
C GLY B 164 -9.85 1.97 14.41
N ASN B 165 -9.38 3.20 14.33
CA ASN B 165 -8.33 3.54 13.40
C ASN B 165 -7.14 4.12 14.15
N THR B 166 -7.01 3.74 15.42
CA THR B 166 -5.92 4.23 16.26
C THR B 166 -4.78 3.22 16.33
N VAL B 167 -3.57 3.69 16.04
CA VAL B 167 -2.38 2.85 16.10
C VAL B 167 -1.37 3.46 17.04
N VAL B 168 -0.37 2.67 17.41
CA VAL B 168 0.68 3.14 18.29
C VAL B 168 2.03 2.66 17.80
N CYS B 169 2.99 3.58 17.72
CA CYS B 169 4.34 3.19 17.34
C CYS B 169 5.23 3.41 18.56
N ALA B 170 6.13 2.47 18.81
CA ALA B 170 7.04 2.58 19.94
C ALA B 170 8.10 3.58 19.50
N VAL B 171 8.54 4.43 20.42
CA VAL B 171 9.54 5.43 20.09
C VAL B 171 10.78 5.24 20.97
N GLN B 172 11.94 5.57 20.43
CA GLN B 172 13.19 5.42 21.16
C GLN B 172 13.29 6.34 22.35
N ALA B 173 14.08 5.94 23.34
CA ALA B 173 14.31 6.73 24.55
C ALA B 173 15.79 6.70 24.89
N SER B 174 16.23 7.68 25.66
CA SER B 174 17.63 7.78 26.06
C SER B 174 18.08 6.59 26.90
N GLU B 175 17.21 6.13 27.80
CA GLU B 175 17.54 5.00 28.67
C GLU B 175 17.12 3.68 28.04
N GLY B 176 17.97 2.67 28.19
CA GLY B 176 17.67 1.36 27.63
C GLY B 176 18.70 0.31 28.01
N GLU B 177 18.23 -0.92 28.19
CA GLU B 177 19.11 -2.02 28.56
C GLU B 177 20.10 -2.33 27.44
N THR B 178 21.09 -3.15 27.75
CA THR B 178 22.12 -3.53 26.78
C THR B 178 22.01 -4.99 26.36
N THR B 179 21.08 -5.71 26.97
CA THR B 179 20.88 -7.12 26.65
C THR B 179 19.45 -7.38 26.22
N LEU B 180 19.16 -8.63 25.84
CA LEU B 180 17.82 -9.01 25.42
C LEU B 180 17.20 -9.99 26.40
#